data_5H7V
#
_entry.id   5H7V
#
_cell.length_a   95.620
_cell.length_b   95.620
_cell.length_c   124.580
_cell.angle_alpha   90.000
_cell.angle_beta   90.000
_cell.angle_gamma   90.000
#
_symmetry.space_group_name_H-M   'P 41 21 2'
#
_entity_poly.entity_id   1
_entity_poly.type   'polypeptide(L)'
_entity_poly.pdbx_seq_one_letter_code
;RSPWPGPPPAPPGLPAGADCLNSFTAGVPGFVLDTNASVSNGATFLESPTVRRGWDCVRACCTTQNCNLALVELQPDRGE
DAIAACFLINCLYEQNFVCKFAPREGFINYLTREVYRSYRQLRTQGFGGSGIPKAWAGIDLKVQPQEPLVLKDVENTDWR
LLRGDTDVRVERKDPNQVELWGLKEGTYLFQLTVTSSDHPEDTANVTVTVLSTKQTEDYCLASNKVGRCRGSFPRWYYDP
TEQICKSFVYGGCLGNKNNYLREEECILACRGVQGPSMERRHPVCSGTCQPTQFRCSNGCCIDSFLECDDTPNCPDASDE
AACEKYTSGFDELQRIHFPSDKGHCVDLPDTGLCKESIPRWYYNPFSEHCARFTYGGCYGNKNNFEEEQQCLESCRGISK
KDVFGLRREIPTRTGHHHHHH
;
_entity_poly.pdbx_strand_id   A
#
# COMPACT_ATOMS: atom_id res chain seq x y z
N PRO A 15 13.07 9.81 -31.35
CA PRO A 15 12.23 8.69 -30.93
C PRO A 15 11.36 9.04 -29.75
N ALA A 16 11.88 8.74 -28.55
CA ALA A 16 11.21 9.15 -27.34
C ALA A 16 11.56 10.58 -26.96
N GLY A 17 12.74 11.05 -27.35
CA GLY A 17 13.18 12.39 -27.03
C GLY A 17 13.53 12.59 -25.57
N ALA A 18 13.02 11.71 -24.70
CA ALA A 18 13.21 11.82 -23.27
C ALA A 18 13.83 10.54 -22.71
N ASP A 19 14.79 10.71 -21.81
CA ASP A 19 15.50 9.61 -21.18
C ASP A 19 14.52 8.67 -20.47
N CYS A 20 13.98 9.13 -19.33
CA CYS A 20 12.95 8.47 -18.51
C CYS A 20 12.77 6.98 -18.78
N LEU A 21 12.31 6.65 -19.98
CA LEU A 21 12.06 5.30 -20.49
C LEU A 21 12.94 4.22 -19.85
N ASN A 22 14.19 4.56 -19.57
CA ASN A 22 15.15 3.57 -19.09
C ASN A 22 14.86 3.09 -17.68
N SER A 23 14.19 3.90 -16.86
CA SER A 23 14.01 3.56 -15.45
C SER A 23 13.01 2.43 -15.24
N PHE A 24 12.22 2.09 -16.25
CA PHE A 24 11.23 1.01 -16.14
C PHE A 24 11.78 -0.25 -16.80
N THR A 25 11.68 -1.37 -16.12
CA THR A 25 11.98 -2.65 -16.73
C THR A 25 10.82 -3.10 -17.60
N ALA A 26 11.14 -3.74 -18.73
CA ALA A 26 10.14 -4.18 -19.71
C ALA A 26 9.58 -5.52 -19.26
N GLY A 27 8.38 -5.49 -18.66
CA GLY A 27 7.90 -6.64 -17.92
C GLY A 27 7.27 -7.72 -18.78
N VAL A 28 7.21 -8.91 -18.20
CA VAL A 28 6.82 -10.14 -18.90
C VAL A 28 5.31 -10.18 -19.13
N PRO A 29 4.81 -10.98 -20.08
CA PRO A 29 3.36 -11.12 -20.25
C PRO A 29 2.78 -12.17 -19.34
N GLY A 30 1.51 -12.51 -19.53
CA GLY A 30 0.86 -13.45 -18.66
C GLY A 30 0.09 -12.77 -17.54
N PHE A 31 0.78 -12.31 -16.49
CA PHE A 31 0.03 -11.77 -15.36
C PHE A 31 -0.21 -10.27 -15.49
N VAL A 32 -0.95 -9.77 -14.48
CA VAL A 32 -1.61 -8.48 -14.46
C VAL A 32 -2.16 -8.36 -13.04
N LEU A 33 -2.23 -7.15 -12.50
CA LEU A 33 -2.46 -7.01 -11.07
C LEU A 33 -3.93 -7.20 -10.70
N ASP A 34 -4.14 -7.75 -9.50
CA ASP A 34 -5.42 -8.35 -9.13
C ASP A 34 -6.51 -7.33 -8.87
N THR A 35 -6.18 -6.06 -8.63
CA THR A 35 -7.17 -5.00 -8.50
C THR A 35 -8.15 -5.24 -7.35
N ASN A 36 -9.07 -6.03 -7.36
CA ASN A 36 -10.07 -6.36 -6.34
C ASN A 36 -9.46 -6.68 -4.99
N ALA A 37 -8.29 -7.19 -5.18
CA ALA A 37 -7.51 -7.32 -3.95
C ALA A 37 -6.39 -6.31 -3.83
N SER A 38 -5.75 -5.94 -4.95
CA SER A 38 -4.62 -5.01 -4.92
C SER A 38 -5.04 -3.67 -4.30
N VAL A 39 -6.21 -3.18 -4.66
CA VAL A 39 -6.71 -1.96 -4.02
C VAL A 39 -7.23 -2.27 -2.61
N SER A 40 -7.81 -3.45 -2.40
CA SER A 40 -8.21 -3.87 -1.06
C SER A 40 -7.01 -3.98 -0.12
N ASN A 41 -5.79 -3.85 -0.64
CA ASN A 41 -4.57 -3.71 0.14
C ASN A 41 -4.05 -2.28 0.21
N GLY A 42 -4.57 -1.37 -0.63
CA GLY A 42 -4.25 0.03 -0.50
C GLY A 42 -3.68 0.68 -1.75
N ALA A 43 -3.80 0.02 -2.89
CA ALA A 43 -3.18 0.51 -4.12
C ALA A 43 -3.95 1.71 -4.65
N THR A 44 -3.38 2.91 -4.48
CA THR A 44 -4.01 4.11 -4.99
C THR A 44 -4.05 4.06 -6.51
N PHE A 45 -5.24 4.23 -7.07
CA PHE A 45 -5.41 4.27 -8.52
C PHE A 45 -5.42 5.71 -9.00
N LEU A 46 -4.70 5.96 -10.10
CA LEU A 46 -4.50 7.30 -10.65
C LEU A 46 -5.21 7.49 -11.98
N GLU A 47 -4.50 8.06 -12.95
CA GLU A 47 -5.08 8.37 -14.24
C GLU A 47 -5.20 7.09 -15.08
N SER A 48 -6.01 7.17 -16.13
CA SER A 48 -6.13 6.14 -17.15
C SER A 48 -5.99 6.79 -18.52
N PRO A 49 -4.77 7.11 -18.94
CA PRO A 49 -4.58 7.88 -20.18
C PRO A 49 -4.94 7.06 -21.41
N THR A 50 -5.06 7.78 -22.54
CA THR A 50 -5.45 7.19 -23.82
C THR A 50 -4.37 7.51 -24.86
N VAL A 51 -3.24 6.80 -24.75
CA VAL A 51 -2.17 6.89 -25.74
C VAL A 51 -1.99 5.50 -26.34
N ARG A 52 -1.70 5.47 -27.65
CA ARG A 52 -1.82 4.24 -28.42
C ARG A 52 -0.50 3.51 -28.61
N ARG A 53 0.61 4.02 -28.07
CA ARG A 53 1.82 3.24 -27.91
C ARG A 53 2.06 3.01 -26.42
N GLY A 54 2.54 1.81 -26.09
CA GLY A 54 2.82 1.50 -24.69
C GLY A 54 4.01 2.27 -24.14
N TRP A 55 5.09 2.34 -24.92
CA TRP A 55 6.26 3.10 -24.52
C TRP A 55 6.02 4.61 -24.61
N ASP A 56 4.85 5.03 -25.10
CA ASP A 56 4.33 6.37 -24.85
C ASP A 56 3.71 6.46 -23.46
N CYS A 57 3.06 5.37 -23.04
CA CYS A 57 2.34 5.33 -21.77
C CYS A 57 3.27 5.34 -20.56
N VAL A 58 4.54 4.95 -20.74
CA VAL A 58 5.49 5.01 -19.63
C VAL A 58 5.99 6.44 -19.43
N ARG A 59 6.33 7.13 -20.52
CA ARG A 59 6.68 8.54 -20.43
C ARG A 59 5.54 9.36 -19.82
N ALA A 60 4.32 8.85 -19.86
CA ALA A 60 3.20 9.42 -19.13
C ALA A 60 3.14 8.95 -17.68
N CYS A 61 3.94 7.96 -17.29
CA CYS A 61 4.04 7.55 -15.90
C CYS A 61 5.23 8.16 -15.18
N CYS A 62 6.30 8.50 -15.91
CA CYS A 62 7.37 9.30 -15.31
C CYS A 62 6.83 10.62 -14.78
N THR A 63 5.92 11.24 -15.52
CA THR A 63 5.41 12.57 -15.22
C THR A 63 4.33 12.59 -14.15
N THR A 64 4.01 11.46 -13.53
CA THR A 64 2.95 11.38 -12.53
C THR A 64 3.55 11.26 -11.14
N GLN A 65 2.91 11.94 -10.17
CA GLN A 65 3.50 12.06 -8.83
C GLN A 65 3.54 10.71 -8.12
N ASN A 66 2.50 9.89 -8.29
CA ASN A 66 2.40 8.63 -7.57
C ASN A 66 2.26 7.44 -8.51
N CYS A 67 2.67 7.56 -9.76
CA CYS A 67 2.62 6.43 -10.68
C CYS A 67 3.87 5.58 -10.50
N ASN A 68 3.69 4.31 -10.18
CA ASN A 68 4.79 3.35 -10.11
C ASN A 68 4.60 2.12 -10.96
N LEU A 69 3.36 1.78 -11.32
CA LEU A 69 3.04 0.64 -12.16
C LEU A 69 2.38 1.14 -13.43
N ALA A 70 2.90 0.74 -14.58
CA ALA A 70 2.38 1.17 -15.88
C ALA A 70 1.89 -0.07 -16.63
N LEU A 71 0.59 -0.33 -16.57
CA LEU A 71 -0.02 -1.48 -17.20
C LEU A 71 -0.50 -1.10 -18.61
N VAL A 72 -0.61 -2.10 -19.48
CA VAL A 72 -1.23 -1.92 -20.79
C VAL A 72 -1.93 -3.21 -21.19
N GLU A 73 -3.14 -3.08 -21.72
CA GLU A 73 -3.67 -4.16 -22.53
C GLU A 73 -2.94 -4.20 -23.87
N LEU A 74 -3.18 -5.26 -24.63
CA LEU A 74 -2.54 -5.40 -25.93
C LEU A 74 -3.52 -5.41 -27.09
N GLN A 75 -4.83 -5.46 -26.84
CA GLN A 75 -5.86 -5.65 -27.85
C GLN A 75 -5.48 -6.86 -28.70
N PRO A 76 -5.92 -8.05 -28.31
CA PRO A 76 -5.33 -9.29 -28.83
C PRO A 76 -5.20 -9.30 -30.36
N ASP A 77 -4.09 -9.89 -30.82
CA ASP A 77 -3.77 -10.19 -32.22
C ASP A 77 -3.23 -8.98 -32.99
N ARG A 78 -3.95 -7.85 -32.95
CA ARG A 78 -3.67 -6.73 -33.85
C ARG A 78 -2.33 -6.05 -33.58
N GLY A 79 -1.26 -6.83 -33.50
CA GLY A 79 0.07 -6.29 -33.25
C GLY A 79 0.33 -6.05 -31.78
N GLU A 80 1.56 -5.59 -31.52
CA GLU A 80 2.03 -5.37 -30.15
C GLU A 80 1.88 -3.91 -29.73
N ASP A 81 2.56 -3.00 -30.41
CA ASP A 81 2.56 -1.58 -30.03
C ASP A 81 1.45 -0.81 -30.74
N ALA A 82 0.25 -1.39 -30.71
CA ALA A 82 -0.97 -0.63 -30.95
C ALA A 82 -1.78 -0.65 -29.67
N ILE A 83 -1.18 -0.10 -28.60
CA ILE A 83 -1.61 -0.27 -27.21
C ILE A 83 -3.11 -0.10 -27.04
N ALA A 84 -3.68 -0.81 -26.07
CA ALA A 84 -5.12 -0.90 -25.91
C ALA A 84 -5.65 -0.23 -24.67
N ALA A 85 -4.80 0.18 -23.73
CA ALA A 85 -5.32 0.65 -22.46
C ALA A 85 -4.52 1.77 -21.82
N CYS A 86 -3.20 1.56 -21.63
CA CYS A 86 -2.38 2.31 -20.66
C CYS A 86 -2.87 1.92 -19.26
N PHE A 87 -2.78 2.85 -18.28
CA PHE A 87 -3.20 2.78 -16.86
C PHE A 87 -2.03 3.08 -15.94
N LEU A 88 -2.21 3.97 -14.97
CA LEU A 88 -1.19 4.41 -14.04
C LEU A 88 -1.62 4.07 -12.62
N ILE A 89 -0.75 3.37 -11.87
CA ILE A 89 -1.11 2.87 -10.55
C ILE A 89 0.02 3.13 -9.56
N ASN A 90 -0.36 3.29 -8.28
CA ASN A 90 0.59 3.56 -7.20
C ASN A 90 1.22 2.26 -6.69
N CYS A 91 0.40 1.42 -6.05
CA CYS A 91 0.85 0.15 -5.45
C CYS A 91 1.93 0.38 -4.38
N LEU A 92 1.74 1.44 -3.58
CA LEU A 92 2.56 1.70 -2.41
C LEU A 92 1.65 2.26 -1.31
N TYR A 93 1.08 1.37 -0.50
CA TYR A 93 0.28 1.85 0.63
C TYR A 93 1.25 2.37 1.69
N GLU A 94 1.89 3.51 1.40
CA GLU A 94 2.83 4.18 2.29
C GLU A 94 3.98 3.24 2.66
N GLN A 95 4.97 3.17 1.77
CA GLN A 95 6.19 2.36 1.94
C GLN A 95 5.87 0.86 2.02
N ASN A 96 5.08 0.36 1.08
CA ASN A 96 4.75 -1.07 1.07
C ASN A 96 4.34 -1.49 -0.34
N PHE A 97 4.94 -2.60 -0.80
CA PHE A 97 4.55 -3.25 -2.05
C PHE A 97 3.27 -4.02 -1.79
N VAL A 98 2.14 -3.46 -2.22
CA VAL A 98 0.83 -4.07 -2.01
C VAL A 98 0.23 -4.64 -3.28
N CYS A 99 0.88 -4.46 -4.43
CA CYS A 99 0.45 -5.11 -5.66
C CYS A 99 0.31 -6.62 -5.47
N LYS A 100 -0.63 -7.21 -6.20
CA LYS A 100 -0.81 -8.66 -6.20
C LYS A 100 -1.16 -9.07 -7.62
N PHE A 101 -0.36 -9.96 -8.19
CA PHE A 101 -0.44 -10.30 -9.60
C PHE A 101 -1.06 -11.68 -9.80
N ALA A 102 -1.61 -11.89 -10.99
CA ALA A 102 -2.23 -13.16 -11.35
C ALA A 102 -2.17 -13.39 -12.87
N PRO A 103 -1.60 -14.51 -13.32
CA PRO A 103 -1.41 -14.70 -14.77
C PRO A 103 -2.70 -14.89 -15.55
N ARG A 104 -2.70 -14.40 -16.79
CA ARG A 104 -3.69 -14.87 -17.77
C ARG A 104 -3.14 -14.80 -19.20
N GLU A 105 -3.06 -13.61 -19.81
CA GLU A 105 -2.83 -13.54 -21.25
C GLU A 105 -2.07 -12.30 -21.71
N GLY A 106 -2.57 -11.69 -22.78
CA GLY A 106 -1.97 -10.54 -23.40
C GLY A 106 -2.02 -9.29 -22.56
N PHE A 107 -1.41 -9.37 -21.38
CA PHE A 107 -1.20 -8.22 -20.50
C PHE A 107 0.28 -8.14 -20.16
N ILE A 108 0.85 -6.96 -20.27
CA ILE A 108 2.27 -6.74 -20.01
C ILE A 108 2.41 -5.49 -19.14
N ASN A 109 3.16 -5.62 -18.04
CA ASN A 109 3.17 -4.64 -16.96
C ASN A 109 4.56 -4.05 -16.79
N TYR A 110 4.62 -2.85 -16.23
CA TYR A 110 5.85 -2.05 -16.18
C TYR A 110 6.03 -1.46 -14.78
N LEU A 111 7.04 -1.93 -14.07
CA LEU A 111 7.44 -1.41 -12.78
C LEU A 111 8.65 -0.49 -12.96
N THR A 112 9.39 -0.19 -11.88
CA THR A 112 10.28 0.96 -11.94
C THR A 112 11.63 0.70 -11.25
N ARG A 113 12.06 -0.57 -11.14
CA ARG A 113 13.34 -0.89 -10.50
C ARG A 113 13.36 -0.40 -9.05
N GLU A 114 13.36 0.93 -8.87
CA GLU A 114 12.75 1.50 -7.68
C GLU A 114 11.32 1.01 -7.60
N VAL A 115 10.76 0.99 -6.39
CA VAL A 115 9.77 -0.02 -6.09
C VAL A 115 10.49 -1.31 -6.44
N TYR A 116 9.85 -2.19 -7.21
CA TYR A 116 10.42 -3.48 -7.61
C TYR A 116 11.23 -4.10 -6.48
N ARG A 117 10.87 -3.73 -5.25
CA ARG A 117 11.26 -4.45 -4.05
C ARG A 117 10.59 -5.78 -3.99
N SER A 118 9.89 -6.14 -5.06
CA SER A 118 9.43 -7.49 -5.25
C SER A 118 10.56 -8.42 -5.71
N TYR A 119 11.64 -7.85 -6.26
CA TYR A 119 12.89 -8.59 -6.41
C TYR A 119 13.75 -8.53 -5.16
N ARG A 120 13.51 -7.54 -4.28
CA ARG A 120 13.75 -7.71 -2.84
C ARG A 120 12.52 -8.46 -2.32
N GLN A 121 12.33 -8.51 -1.00
CA GLN A 121 11.13 -9.16 -0.47
C GLN A 121 11.06 -10.60 -0.97
N LEU A 122 12.12 -11.08 -1.60
CA LEU A 122 12.12 -12.41 -2.18
C LEU A 122 13.19 -13.28 -1.56
N ARG A 123 12.80 -13.99 -0.51
CA ARG A 123 11.43 -13.90 -0.01
C ARG A 123 11.38 -13.53 1.47
N THR A 124 12.32 -12.70 1.91
CA THR A 124 12.35 -12.22 3.29
C THR A 124 12.90 -10.79 3.36
N TRP A 136 6.95 -7.99 8.63
CA TRP A 136 6.92 -6.68 9.29
C TRP A 136 7.93 -5.73 8.66
N ALA A 137 7.62 -5.25 7.45
CA ALA A 137 8.54 -4.37 6.73
C ALA A 137 8.45 -2.94 7.22
N GLY A 138 8.72 -1.97 6.35
CA GLY A 138 8.70 -0.57 6.71
C GLY A 138 7.30 0.00 6.86
N ILE A 139 6.96 0.44 8.07
CA ILE A 139 5.66 1.00 8.33
C ILE A 139 5.74 2.53 8.19
N ASP A 140 4.58 3.14 7.92
CA ASP A 140 4.46 4.59 7.76
C ASP A 140 3.38 5.07 8.72
N LEU A 141 3.77 5.41 9.95
CA LEU A 141 2.83 5.81 10.99
C LEU A 141 2.57 7.30 10.92
N LYS A 142 1.34 7.68 10.59
CA LYS A 142 0.89 9.07 10.62
C LYS A 142 0.17 9.29 11.93
N VAL A 143 0.77 10.09 12.82
CA VAL A 143 0.26 10.26 14.17
C VAL A 143 0.03 11.75 14.43
N GLN A 144 -0.78 12.02 15.45
CA GLN A 144 -1.12 13.37 15.85
C GLN A 144 0.01 14.00 16.68
N PRO A 145 0.12 15.33 16.67
CA PRO A 145 1.17 15.99 17.46
C PRO A 145 0.91 15.82 18.96
N GLN A 146 1.92 15.27 19.65
CA GLN A 146 1.83 15.00 21.08
C GLN A 146 3.27 14.98 21.62
N GLU A 147 3.44 14.42 22.81
CA GLU A 147 4.78 14.32 23.39
C GLU A 147 5.06 12.93 23.96
N PRO A 148 4.15 12.31 24.77
CA PRO A 148 4.40 10.93 25.22
C PRO A 148 3.73 9.88 24.35
N LEU A 149 4.47 9.36 23.38
CA LEU A 149 3.94 8.45 22.37
C LEU A 149 4.28 7.01 22.72
N VAL A 150 3.33 6.10 22.49
CA VAL A 150 3.50 4.67 22.67
C VAL A 150 2.76 3.93 21.55
N LEU A 151 3.27 2.76 21.18
CA LEU A 151 2.74 2.07 20.00
C LEU A 151 3.13 0.59 20.04
N LYS A 152 3.02 -0.07 18.89
CA LYS A 152 3.37 -1.49 18.77
C LYS A 152 4.76 -1.74 19.36
N ASP A 153 4.84 -2.69 20.28
CA ASP A 153 6.03 -2.86 21.10
C ASP A 153 7.25 -3.25 20.28
N VAL A 154 7.25 -4.46 19.73
CA VAL A 154 8.44 -5.11 19.22
C VAL A 154 9.46 -5.19 20.35
N GLU A 155 9.58 -6.39 20.94
CA GLU A 155 10.37 -6.57 22.16
C GLU A 155 11.86 -6.35 21.94
N ASN A 156 12.67 -6.83 22.88
CA ASN A 156 14.05 -6.40 22.98
C ASN A 156 14.06 -4.88 22.94
N THR A 157 14.98 -4.28 22.18
CA THR A 157 15.01 -2.83 22.03
C THR A 157 16.08 -2.33 21.06
N ASP A 158 16.82 -1.30 21.49
CA ASP A 158 17.86 -0.64 20.73
C ASP A 158 17.30 0.03 19.48
N TRP A 159 16.87 1.28 19.63
CA TRP A 159 16.27 2.07 18.56
C TRP A 159 17.27 3.11 18.08
N ARG A 160 17.39 3.25 16.77
CA ARG A 160 18.44 4.06 16.14
C ARG A 160 17.82 5.19 15.32
N LEU A 161 18.14 6.43 15.71
CA LEU A 161 17.64 7.63 15.06
C LEU A 161 18.19 7.74 13.63
N LEU A 162 17.62 8.66 12.86
CA LEU A 162 18.12 8.94 11.51
C LEU A 162 17.65 10.31 11.01
N ARG A 163 16.71 10.93 11.73
CA ARG A 163 16.19 12.22 11.33
C ARG A 163 15.42 12.82 12.51
N GLY A 164 15.70 14.08 12.82
CA GLY A 164 15.01 14.76 13.90
C GLY A 164 15.35 16.23 14.03
N ASP A 165 14.35 17.10 13.87
CA ASP A 165 14.55 18.53 14.07
C ASP A 165 15.16 18.80 15.44
N THR A 166 14.61 18.17 16.47
CA THR A 166 15.27 18.02 17.76
C THR A 166 15.56 16.55 18.00
N ASP A 167 16.51 16.28 18.90
CA ASP A 167 16.71 14.91 19.35
C ASP A 167 15.44 14.41 20.03
N VAL A 168 15.27 13.09 20.03
CA VAL A 168 14.07 12.44 20.53
C VAL A 168 14.44 11.56 21.72
N ARG A 169 13.70 11.71 22.82
CA ARG A 169 13.90 10.90 24.03
C ARG A 169 13.14 9.59 23.84
N VAL A 170 13.86 8.53 23.48
CA VAL A 170 13.26 7.22 23.26
C VAL A 170 13.53 6.41 24.53
N GLU A 171 12.63 6.57 25.50
CA GLU A 171 12.70 5.94 26.82
C GLU A 171 11.71 4.81 26.85
N ARG A 172 12.11 3.68 27.42
CA ARG A 172 11.35 2.43 27.29
C ARG A 172 11.04 1.84 28.65
N LYS A 173 9.77 1.55 28.89
CA LYS A 173 9.33 0.81 30.07
C LYS A 173 8.75 -0.56 29.62
N ASP A 174 7.60 -0.95 30.11
CA ASP A 174 7.10 -2.32 29.98
C ASP A 174 5.58 -2.34 29.95
N PRO A 175 4.96 -3.44 29.47
CA PRO A 175 5.51 -4.69 28.92
C PRO A 175 6.03 -4.53 27.50
N ASN A 176 7.26 -4.03 27.37
CA ASN A 176 7.81 -3.57 26.10
C ASN A 176 6.86 -2.56 25.46
N GLN A 177 7.24 -1.29 25.49
CA GLN A 177 6.38 -0.23 25.00
C GLN A 177 7.19 1.05 24.89
N VAL A 178 7.83 1.25 23.73
CA VAL A 178 8.74 2.37 23.56
C VAL A 178 7.99 3.68 23.64
N GLU A 179 8.59 4.65 24.34
CA GLU A 179 8.02 5.98 24.50
C GLU A 179 8.94 7.00 23.83
N LEU A 180 8.34 7.92 23.08
CA LEU A 180 9.09 8.86 22.25
C LEU A 180 8.75 10.29 22.66
N TRP A 181 9.56 10.87 23.52
CA TRP A 181 9.44 12.28 23.87
C TRP A 181 10.14 13.11 22.78
N GLY A 182 10.21 14.43 23.00
CA GLY A 182 10.95 15.32 22.11
C GLY A 182 10.38 15.41 20.71
N LEU A 183 9.18 14.87 20.52
CA LEU A 183 8.52 14.89 19.22
C LEU A 183 7.74 16.19 19.05
N LYS A 184 8.11 16.94 18.02
CA LYS A 184 7.28 18.02 17.49
C LYS A 184 6.97 17.72 16.03
N GLU A 185 6.24 18.64 15.39
CA GLU A 185 5.74 18.38 14.05
C GLU A 185 6.87 18.21 13.06
N GLY A 186 6.70 17.27 12.14
CA GLY A 186 7.71 17.02 11.11
C GLY A 186 7.68 15.54 10.68
N THR A 187 8.87 15.03 10.36
CA THR A 187 9.04 13.62 9.97
C THR A 187 10.33 13.09 10.58
N TYR A 188 10.25 11.88 11.13
CA TYR A 188 11.38 11.23 11.79
C TYR A 188 11.51 9.82 11.25
N LEU A 189 12.75 9.41 10.91
CA LEU A 189 13.03 8.07 10.43
C LEU A 189 13.94 7.36 11.43
N PHE A 190 13.66 6.07 11.67
CA PHE A 190 14.36 5.33 12.70
C PHE A 190 14.94 4.02 12.18
N GLN A 191 15.41 3.17 13.09
CA GLN A 191 15.97 1.86 12.75
C GLN A 191 15.87 0.96 13.96
N LEU A 192 15.10 -0.12 13.85
CA LEU A 192 14.87 -1.04 14.97
C LEU A 192 15.97 -2.10 15.02
N THR A 193 17.17 -1.66 15.40
CA THR A 193 18.34 -2.53 15.47
C THR A 193 18.14 -3.55 16.58
N VAL A 194 17.69 -4.75 16.20
CA VAL A 194 17.39 -5.84 17.14
C VAL A 194 16.41 -5.38 18.22
N ASP A 202 18.10 -7.93 11.82
CA ASP A 202 16.94 -7.47 12.58
C ASP A 202 16.92 -5.95 12.71
N THR A 203 16.49 -5.28 11.63
CA THR A 203 16.31 -3.83 11.63
C THR A 203 15.02 -3.51 10.88
N ALA A 204 14.65 -2.23 10.88
CA ALA A 204 13.42 -1.80 10.21
C ALA A 204 13.48 -0.30 9.97
N ASN A 205 13.53 0.09 8.69
CA ASN A 205 13.43 1.50 8.28
C ASN A 205 11.98 1.97 8.46
N VAL A 206 11.66 2.50 9.63
CA VAL A 206 10.29 2.87 9.96
C VAL A 206 10.24 4.35 10.29
N THR A 207 9.20 5.02 9.82
CA THR A 207 9.09 6.48 9.91
C THR A 207 7.81 6.88 10.62
N VAL A 208 7.93 7.82 11.55
CA VAL A 208 6.78 8.50 12.13
C VAL A 208 6.53 9.79 11.36
N THR A 209 5.26 10.11 11.12
CA THR A 209 4.88 11.32 10.40
C THR A 209 3.91 12.11 11.29
N VAL A 210 4.47 12.95 12.16
CA VAL A 210 3.67 13.86 12.96
C VAL A 210 3.11 14.93 12.04
N LEU A 211 1.81 14.84 11.77
CA LEU A 211 1.20 15.63 10.71
C LEU A 211 1.13 17.11 11.10
N SER A 212 1.37 17.97 10.12
CA SER A 212 1.07 19.38 10.28
C SER A 212 -0.44 19.58 10.28
N THR A 213 -0.87 20.77 10.70
CA THR A 213 -2.28 21.12 10.61
C THR A 213 -2.74 21.11 9.16
N LYS A 214 -1.86 21.51 8.24
CA LYS A 214 -2.15 21.38 6.82
C LYS A 214 -2.48 19.94 6.45
N GLN A 215 -1.88 18.98 7.15
CA GLN A 215 -2.17 17.57 6.94
C GLN A 215 -3.33 17.07 7.80
N THR A 216 -3.67 17.79 8.87
CA THR A 216 -4.77 17.39 9.73
C THR A 216 -6.11 17.55 9.03
N GLU A 217 -6.31 18.68 8.35
CA GLU A 217 -7.57 18.93 7.67
C GLU A 217 -7.86 17.87 6.62
N ASP A 218 -6.83 17.45 5.89
CA ASP A 218 -7.01 16.51 4.79
C ASP A 218 -7.14 15.08 5.29
N TYR A 219 -6.23 14.64 6.16
CA TYR A 219 -6.26 13.26 6.63
C TYR A 219 -7.31 13.05 7.71
N CYS A 220 -7.58 14.06 8.54
CA CYS A 220 -8.43 13.88 9.71
C CYS A 220 -9.72 14.67 9.70
N LEU A 221 -9.76 15.84 9.07
CA LEU A 221 -10.93 16.70 9.12
C LEU A 221 -11.81 16.60 7.89
N ALA A 222 -11.22 16.40 6.71
CA ALA A 222 -11.99 16.32 5.48
C ALA A 222 -13.05 15.22 5.59
N SER A 223 -14.28 15.55 5.20
CA SER A 223 -15.32 14.55 5.11
C SER A 223 -14.93 13.52 4.05
N ASN A 224 -15.52 12.32 4.16
CA ASN A 224 -15.09 11.21 3.32
C ASN A 224 -15.44 11.47 1.85
N LYS A 225 -15.16 10.48 1.01
CA LYS A 225 -15.39 10.57 -0.43
C LYS A 225 -15.62 9.17 -0.94
N VAL A 226 -16.84 8.87 -1.36
CA VAL A 226 -17.13 7.56 -1.91
C VAL A 226 -16.47 7.39 -3.27
N GLY A 227 -16.60 8.39 -4.13
CA GLY A 227 -15.95 8.37 -5.43
C GLY A 227 -16.87 7.84 -6.53
N ARG A 228 -16.47 8.11 -7.77
CA ARG A 228 -17.25 7.73 -8.93
C ARG A 228 -17.14 6.25 -9.29
N CYS A 229 -16.09 5.57 -8.82
CA CYS A 229 -15.92 4.17 -9.16
C CYS A 229 -16.95 3.29 -8.46
N ARG A 230 -17.35 2.23 -9.15
CA ARG A 230 -18.30 1.25 -8.63
C ARG A 230 -17.50 0.19 -7.91
N GLY A 231 -17.47 0.28 -6.58
CA GLY A 231 -16.52 -0.47 -5.79
C GLY A 231 -17.16 -1.23 -4.65
N SER A 232 -16.30 -1.90 -3.89
CA SER A 232 -16.70 -2.71 -2.74
C SER A 232 -15.49 -2.88 -1.82
N PHE A 233 -14.97 -1.77 -1.27
CA PHE A 233 -13.69 -1.85 -0.54
C PHE A 233 -13.86 -1.47 0.94
N PRO A 234 -13.17 -2.17 1.83
CA PRO A 234 -13.24 -1.86 3.26
C PRO A 234 -12.25 -0.76 3.64
N ARG A 235 -12.76 0.36 4.12
CA ARG A 235 -11.91 1.45 4.57
C ARG A 235 -12.50 2.07 5.82
N TRP A 236 -11.68 2.89 6.48
CA TRP A 236 -12.08 3.60 7.69
C TRP A 236 -11.80 5.09 7.50
N TYR A 237 -12.46 5.90 8.33
CA TYR A 237 -12.32 7.34 8.24
C TYR A 237 -12.74 7.98 9.55
N TYR A 238 -12.15 9.15 9.84
CA TYR A 238 -12.36 9.84 11.11
C TYR A 238 -13.49 10.85 11.02
N ASP A 239 -14.28 10.92 12.09
CA ASP A 239 -15.29 11.97 12.23
C ASP A 239 -14.88 12.93 13.34
N PRO A 240 -14.52 14.17 13.02
CA PRO A 240 -14.26 15.15 14.09
C PRO A 240 -15.53 15.66 14.77
N THR A 241 -16.70 15.35 14.24
CA THR A 241 -17.94 15.85 14.83
C THR A 241 -18.20 15.18 16.18
N GLU A 242 -17.89 13.89 16.30
CA GLU A 242 -18.07 13.16 17.56
C GLU A 242 -16.79 12.49 18.03
N GLN A 243 -15.63 12.92 17.51
CA GLN A 243 -14.33 12.43 17.99
C GLN A 243 -14.18 10.93 17.78
N ILE A 244 -14.56 10.46 16.59
CA ILE A 244 -14.76 9.04 16.37
C ILE A 244 -14.20 8.62 15.01
N CYS A 245 -13.72 7.37 14.95
CA CYS A 245 -13.47 6.69 13.69
C CYS A 245 -14.63 5.73 13.41
N LYS A 246 -15.22 5.86 12.22
CA LYS A 246 -16.27 4.98 11.74
C LYS A 246 -15.81 4.30 10.44
N SER A 247 -16.67 3.45 9.89
CA SER A 247 -16.32 2.61 8.74
C SER A 247 -17.24 2.90 7.55
N PHE A 248 -16.67 2.84 6.35
CA PHE A 248 -17.40 3.23 5.15
C PHE A 248 -16.91 2.44 3.94
N VAL A 249 -17.62 2.63 2.83
CA VAL A 249 -17.39 1.91 1.58
C VAL A 249 -16.62 2.81 0.63
N TYR A 250 -15.51 2.29 0.09
CA TYR A 250 -14.70 2.99 -0.90
C TYR A 250 -15.09 2.52 -2.29
N GLY A 251 -15.39 3.49 -3.17
CA GLY A 251 -15.68 3.15 -4.55
C GLY A 251 -14.47 2.66 -5.31
N GLY A 252 -13.29 3.10 -4.89
CA GLY A 252 -12.08 2.61 -5.51
C GLY A 252 -11.11 3.69 -5.91
N CYS A 253 -11.62 4.86 -6.27
CA CYS A 253 -10.80 5.89 -6.88
C CYS A 253 -11.14 7.26 -6.33
N LEU A 254 -10.21 8.19 -6.51
CA LEU A 254 -10.32 9.61 -6.16
C LEU A 254 -10.66 9.84 -4.69
N GLY A 255 -10.57 8.81 -3.85
CA GLY A 255 -10.92 8.95 -2.45
C GLY A 255 -10.16 10.07 -1.77
N ASN A 256 -10.82 10.75 -0.85
CA ASN A 256 -10.19 11.84 -0.14
C ASN A 256 -9.06 11.32 0.75
N LYS A 257 -8.29 12.25 1.30
CA LYS A 257 -7.16 11.87 2.14
C LYS A 257 -7.60 11.31 3.49
N ASN A 258 -8.84 11.57 3.89
CA ASN A 258 -9.42 10.91 5.07
C ASN A 258 -9.92 9.55 4.65
N ASN A 259 -9.07 8.52 4.79
CA ASN A 259 -9.32 7.20 4.26
C ASN A 259 -8.24 6.23 4.73
N TYR A 260 -8.62 5.19 5.47
CA TYR A 260 -7.66 4.31 6.10
C TYR A 260 -8.06 2.86 5.91
N LEU A 261 -7.11 2.03 5.47
CA LEU A 261 -7.39 0.62 5.24
C LEU A 261 -7.67 -0.09 6.56
N ARG A 262 -7.07 0.37 7.65
CA ARG A 262 -7.29 -0.19 8.98
C ARG A 262 -7.73 0.91 9.92
N GLU A 263 -8.69 0.59 10.79
CA GLU A 263 -9.16 1.54 11.79
C GLU A 263 -8.04 1.95 12.74
N GLU A 264 -7.08 1.06 13.00
CA GLU A 264 -5.93 1.45 13.80
C GLU A 264 -5.19 2.62 13.16
N GLU A 265 -4.92 2.52 11.85
CA GLU A 265 -4.35 3.65 11.14
C GLU A 265 -5.27 4.87 11.19
N CYS A 266 -6.58 4.65 11.30
CA CYS A 266 -7.51 5.76 11.37
C CYS A 266 -7.30 6.56 12.64
N ILE A 267 -7.41 5.90 13.79
CA ILE A 267 -7.30 6.61 15.07
C ILE A 267 -5.92 7.21 15.24
N LEU A 268 -4.88 6.44 14.89
CA LEU A 268 -3.51 6.95 15.01
C LEU A 268 -3.34 8.25 14.26
N ALA A 269 -3.97 8.37 13.08
CA ALA A 269 -3.90 9.62 12.34
C ALA A 269 -4.56 10.76 13.10
N CYS A 270 -5.62 10.47 13.85
CA CYS A 270 -6.46 11.52 14.42
C CYS A 270 -6.63 11.41 15.93
N ARG A 271 -7.77 11.90 16.43
CA ARG A 271 -8.09 11.94 17.84
C ARG A 271 -7.15 12.86 18.61
N GLY A 272 -7.71 13.62 19.54
CA GLY A 272 -7.10 14.90 19.86
C GLY A 272 -7.34 15.92 18.78
N VAL A 273 -8.31 15.67 17.91
CA VAL A 273 -8.64 16.51 16.77
C VAL A 273 -10.11 16.87 16.86
N GLN A 274 -10.39 18.17 16.92
CA GLN A 274 -11.77 18.68 16.92
C GLN A 274 -12.07 19.27 15.55
N GLY A 275 -13.28 19.82 15.41
CA GLY A 275 -13.67 20.45 14.18
C GLY A 275 -15.08 20.10 13.73
N PRO A 276 -15.56 20.78 12.71
CA PRO A 276 -16.92 20.51 12.21
C PRO A 276 -16.92 19.71 10.91
N SER A 277 -18.12 19.33 10.46
CA SER A 277 -18.27 18.53 9.23
C SER A 277 -17.83 19.30 7.98
N ALA A 321 -7.21 25.51 -11.25
CA ALA A 321 -6.46 24.44 -10.62
C ALA A 321 -5.41 24.99 -9.65
N ALA A 322 -5.73 24.96 -8.35
CA ALA A 322 -4.86 25.55 -7.35
C ALA A 322 -4.47 24.59 -6.23
N CYS A 323 -5.11 23.42 -6.13
CA CYS A 323 -4.76 22.44 -5.09
C CYS A 323 -3.40 21.82 -5.39
N GLU A 324 -3.38 20.51 -5.64
CA GLU A 324 -2.18 19.82 -6.09
C GLU A 324 -2.57 18.72 -7.06
N LYS A 325 -3.56 17.94 -6.68
CA LYS A 325 -4.01 16.79 -7.47
C LYS A 325 -5.34 16.25 -6.95
N TYR A 326 -6.35 16.21 -7.83
CA TYR A 326 -7.66 15.62 -7.55
C TYR A 326 -8.45 16.39 -6.49
N THR A 327 -9.79 16.40 -6.59
CA THR A 327 -10.56 15.62 -7.55
C THR A 327 -10.68 16.23 -8.94
N SER A 328 -10.82 15.35 -9.94
CA SER A 328 -11.10 15.71 -11.33
C SER A 328 -11.26 14.45 -12.18
N GLY A 329 -12.41 14.27 -12.82
CA GLY A 329 -12.65 13.09 -13.62
C GLY A 329 -13.79 13.21 -14.62
N PHE A 330 -13.47 13.59 -15.84
CA PHE A 330 -14.45 13.86 -16.90
C PHE A 330 -13.97 13.26 -18.22
N ASP A 331 -14.04 11.94 -18.38
CA ASP A 331 -14.73 11.05 -17.44
C ASP A 331 -14.09 9.66 -17.44
N GLU A 332 -13.32 9.34 -18.49
CA GLU A 332 -12.79 7.99 -18.72
C GLU A 332 -11.89 7.48 -17.59
N LEU A 333 -12.22 7.80 -16.34
CA LEU A 333 -11.55 7.20 -15.19
C LEU A 333 -12.47 6.14 -14.59
N GLN A 334 -12.67 5.08 -15.38
CA GLN A 334 -13.63 4.03 -15.06
C GLN A 334 -13.03 2.69 -15.46
N ARG A 335 -12.92 1.78 -14.51
CA ARG A 335 -12.08 0.60 -14.63
C ARG A 335 -12.91 -0.66 -14.80
N ILE A 336 -12.20 -1.76 -15.09
CA ILE A 336 -12.80 -3.04 -15.44
C ILE A 336 -12.20 -4.12 -14.56
N HIS A 337 -12.92 -5.23 -14.46
CA HIS A 337 -12.51 -6.39 -13.67
C HIS A 337 -12.19 -7.55 -14.60
N PHE A 338 -10.93 -7.95 -14.61
CA PHE A 338 -10.42 -8.94 -15.55
C PHE A 338 -10.71 -10.35 -15.05
N PRO A 339 -10.46 -11.38 -15.87
CA PRO A 339 -10.48 -12.74 -15.36
C PRO A 339 -9.23 -13.07 -14.57
N SER A 340 -9.34 -14.08 -13.72
CA SER A 340 -8.25 -14.43 -12.83
C SER A 340 -8.35 -15.87 -12.33
N ASP A 341 -8.85 -16.77 -13.19
CA ASP A 341 -9.09 -18.18 -12.86
C ASP A 341 -9.60 -18.39 -11.43
N LYS A 342 -8.72 -18.78 -10.50
CA LYS A 342 -9.17 -19.10 -9.14
C LYS A 342 -8.00 -19.23 -8.16
N GLY A 343 -7.10 -20.17 -8.42
CA GLY A 343 -6.08 -20.58 -7.48
C GLY A 343 -5.18 -19.49 -6.95
N HIS A 344 -5.19 -19.30 -5.64
CA HIS A 344 -4.32 -18.34 -4.97
C HIS A 344 -4.48 -18.58 -3.47
N CYS A 345 -3.45 -19.02 -2.72
CA CYS A 345 -2.12 -19.56 -3.12
C CYS A 345 -1.06 -18.55 -3.61
N VAL A 346 0.19 -18.93 -3.30
CA VAL A 346 1.47 -18.44 -3.84
C VAL A 346 1.79 -17.00 -3.44
N ASP A 347 0.87 -16.33 -2.77
CA ASP A 347 1.20 -15.06 -2.15
C ASP A 347 2.20 -15.29 -1.01
N LEU A 348 3.17 -14.38 -0.89
CA LEU A 348 4.11 -14.44 0.22
C LEU A 348 3.34 -14.41 1.54
N PRO A 349 3.90 -15.01 2.59
CA PRO A 349 3.20 -15.06 3.88
C PRO A 349 3.10 -13.69 4.53
N ASP A 350 1.96 -13.47 5.21
CA ASP A 350 1.69 -12.25 5.95
C ASP A 350 1.43 -12.61 7.41
N THR A 351 2.37 -12.25 8.28
CA THR A 351 2.18 -12.52 9.71
C THR A 351 0.99 -11.75 10.26
N GLY A 352 0.84 -10.50 9.86
CA GLY A 352 -0.30 -9.70 10.28
C GLY A 352 0.10 -8.60 11.25
N LEU A 353 -0.92 -7.87 11.69
CA LEU A 353 -0.75 -6.74 12.60
C LEU A 353 -1.25 -7.05 14.01
N CYS A 354 -1.48 -8.32 14.33
CA CYS A 354 -2.04 -8.67 15.62
C CYS A 354 -0.96 -9.22 16.54
N LYS A 355 -1.35 -9.99 17.55
CA LYS A 355 -0.47 -10.28 18.68
C LYS A 355 -0.12 -11.75 18.83
N GLU A 356 -1.11 -12.65 18.77
CA GLU A 356 -0.91 -14.02 19.21
C GLU A 356 0.09 -14.76 18.31
N SER A 357 0.52 -15.92 18.79
CA SER A 357 1.41 -16.81 18.06
C SER A 357 0.61 -18.03 17.66
N ILE A 358 0.02 -17.98 16.47
CA ILE A 358 -0.80 -19.07 15.91
C ILE A 358 0.01 -19.72 14.80
N PRO A 359 0.41 -20.98 14.93
CA PRO A 359 1.10 -21.66 13.83
C PRO A 359 0.12 -22.04 12.72
N ARG A 360 0.47 -21.65 11.49
CA ARG A 360 -0.28 -21.99 10.29
C ARG A 360 0.71 -22.40 9.20
N TRP A 361 0.17 -22.92 8.09
CA TRP A 361 0.99 -23.42 6.99
C TRP A 361 0.68 -22.67 5.71
N TYR A 362 1.74 -22.36 4.94
CA TYR A 362 1.62 -21.73 3.64
C TYR A 362 2.41 -22.54 2.62
N TYR A 363 2.23 -22.19 1.34
CA TYR A 363 2.86 -22.89 0.22
C TYR A 363 3.86 -21.94 -0.43
N ASN A 364 5.16 -22.21 -0.24
CA ASN A 364 6.11 -21.39 -0.99
C ASN A 364 6.42 -22.07 -2.32
N PRO A 365 6.33 -21.35 -3.44
CA PRO A 365 6.52 -21.98 -4.76
C PRO A 365 7.94 -22.01 -5.28
N PHE A 366 8.90 -21.38 -4.59
CA PHE A 366 10.31 -21.57 -4.96
C PHE A 366 10.73 -23.01 -4.74
N SER A 367 10.21 -23.65 -3.69
CA SER A 367 10.52 -25.04 -3.38
C SER A 367 9.34 -25.98 -3.55
N GLU A 368 8.15 -25.46 -3.80
CA GLU A 368 6.94 -26.19 -4.17
C GLU A 368 6.35 -27.01 -3.04
N HIS A 369 6.83 -26.86 -1.81
CA HIS A 369 6.25 -27.54 -0.66
C HIS A 369 5.90 -26.52 0.42
N CYS A 370 5.19 -27.00 1.42
CA CYS A 370 4.59 -26.16 2.45
C CYS A 370 5.56 -25.89 3.60
N ALA A 371 5.23 -24.88 4.40
CA ALA A 371 6.05 -24.52 5.55
C ALA A 371 5.17 -23.80 6.56
N ARG A 372 5.59 -23.83 7.82
CA ARG A 372 4.82 -23.31 8.94
C ARG A 372 5.37 -21.96 9.40
N PHE A 373 4.51 -21.16 10.01
CA PHE A 373 4.92 -19.85 10.52
C PHE A 373 3.91 -19.37 11.56
N THR A 374 4.29 -18.30 12.25
CA THR A 374 3.49 -17.74 13.35
C THR A 374 2.61 -16.61 12.82
N TYR A 375 1.30 -16.76 12.97
CA TYR A 375 0.31 -15.82 12.49
C TYR A 375 -0.18 -14.94 13.63
N GLY A 376 -0.35 -13.65 13.37
CA GLY A 376 -0.86 -12.76 14.40
C GLY A 376 -2.31 -13.06 14.74
N GLY A 377 -3.13 -13.29 13.72
CA GLY A 377 -4.53 -13.59 13.91
C GLY A 377 -5.44 -12.78 13.01
N CYS A 378 -4.86 -11.96 12.14
CA CYS A 378 -5.66 -10.99 11.38
C CYS A 378 -4.88 -10.52 10.16
N TYR A 379 -5.61 -10.39 9.03
CA TYR A 379 -5.10 -9.76 7.82
C TYR A 379 -3.88 -10.47 7.23
N GLY A 380 -4.10 -11.59 6.55
CA GLY A 380 -3.03 -12.28 5.87
C GLY A 380 -3.27 -12.34 4.37
N ASN A 381 -2.65 -13.30 3.70
CA ASN A 381 -2.88 -13.55 2.28
C ASN A 381 -3.68 -14.83 2.10
N LYS A 382 -4.13 -15.04 0.85
CA LYS A 382 -4.91 -16.23 0.54
C LYS A 382 -4.14 -17.51 0.79
N ASN A 383 -2.82 -17.44 0.97
CA ASN A 383 -1.97 -18.61 1.17
C ASN A 383 -1.77 -18.77 2.68
N ASN A 384 -2.81 -19.27 3.34
CA ASN A 384 -2.79 -19.35 4.79
C ASN A 384 -3.60 -20.56 5.25
N PHE A 385 -3.23 -21.74 4.78
CA PHE A 385 -3.87 -22.99 5.20
C PHE A 385 -3.44 -23.30 6.64
N GLU A 386 -3.80 -24.49 7.13
CA GLU A 386 -3.63 -24.81 8.54
C GLU A 386 -2.78 -26.04 8.81
N GLU A 387 -2.78 -27.04 7.92
CA GLU A 387 -2.03 -28.27 8.15
C GLU A 387 -1.12 -28.55 6.96
N GLU A 388 -0.41 -29.67 7.05
CA GLU A 388 0.49 -30.08 5.96
C GLU A 388 -0.29 -30.38 4.69
N GLN A 389 -1.39 -31.14 4.80
CA GLN A 389 -2.11 -31.56 3.61
C GLN A 389 -3.15 -30.54 3.15
N GLN A 390 -3.63 -29.65 4.02
CA GLN A 390 -4.54 -28.61 3.57
C GLN A 390 -3.82 -27.62 2.66
N CYS A 391 -2.53 -27.39 2.89
CA CYS A 391 -1.78 -26.41 2.10
C CYS A 391 -1.42 -26.98 0.74
N LEU A 392 -0.80 -28.16 0.71
CA LEU A 392 -0.51 -28.81 -0.56
C LEU A 392 -1.76 -29.22 -1.31
N GLU A 393 -2.92 -29.29 -0.63
CA GLU A 393 -4.15 -29.70 -1.30
C GLU A 393 -4.56 -28.70 -2.37
N SER A 394 -4.48 -27.40 -2.08
CA SER A 394 -5.09 -26.37 -2.92
C SER A 394 -4.06 -25.54 -3.68
N CYS A 395 -2.80 -25.96 -3.72
CA CYS A 395 -1.82 -25.30 -4.59
C CYS A 395 -1.29 -26.30 -5.64
#